data_4RUE
#
_entry.id   4RUE
#
_cell.length_a   87.490
_cell.length_b   118.697
_cell.length_c   128.701
_cell.angle_alpha   90.00
_cell.angle_beta   90.00
_cell.angle_gamma   90.00
#
_symmetry.space_group_name_H-M   'P 21 21 21'
#
loop_
_entity.id
_entity.type
_entity.pdbx_description
1 polymer 'Potassium channel subfamily K member 4'
2 non-polymer 'POTASSIUM ION'
#
_entity_poly.entity_id   1
_entity_poly.type   'polypeptide(L)'
_entity_poly.pdbx_seq_one_letter_code
;MTTAPQEPPARPLQAGSGAGPAPGRAMRSTTLLALLALVLLYLVSGALVFRALEQPHEQQAQRELGEVREKFLRAHPCVS
DQELGLLIKEVADALGGGADPETQSTSQSSHSAWDLGSAFFFSITIITTIGYGNVALRTDAGRLFCIFYALVGIPLFGIL
LAGVGDRLGSSLRHGIGHIEAIFLKWHVPPELVRVLSAMLFLLIGCLLFVLTPTFVFCYMEDWSKLEAIYFVIVTLTTVG
FGDYVAGADPRQDSPAYQPLVWFWILLGLAYFASVLTTIGNWLRVVSRRTRAEMGGLTAQSNSLEVLFQ
;
_entity_poly.pdbx_strand_id   A,B
#
loop_
_chem_comp.id
_chem_comp.type
_chem_comp.name
_chem_comp.formula
K non-polymer 'POTASSIUM ION' 'K 1'
#
# COMPACT_ATOMS: atom_id res chain seq x y z
N PRO A 23 -14.75 -27.66 0.97
CA PRO A 23 -13.56 -27.79 1.82
C PRO A 23 -13.39 -26.59 2.76
N GLY A 24 -14.47 -25.82 2.94
CA GLY A 24 -14.46 -24.70 3.88
C GLY A 24 -15.04 -25.03 5.25
N ARG A 25 -14.27 -24.69 6.29
CA ARG A 25 -14.76 -24.70 7.67
C ARG A 25 -15.54 -23.42 8.06
N ALA A 26 -16.79 -23.57 8.47
CA ALA A 26 -17.48 -22.48 9.15
C ALA A 26 -16.68 -22.14 10.40
N MET A 27 -16.75 -23.04 11.39
CA MET A 27 -15.87 -23.04 12.56
C MET A 27 -15.93 -21.76 13.43
N ARG A 28 -16.42 -20.67 12.85
CA ARG A 28 -16.35 -19.36 13.47
C ARG A 28 -17.40 -19.09 14.56
N SER A 29 -18.25 -20.08 14.86
CA SER A 29 -19.27 -19.93 15.90
C SER A 29 -18.63 -19.60 17.25
N THR A 30 -17.38 -20.04 17.42
CA THR A 30 -16.63 -19.77 18.63
C THR A 30 -15.15 -19.53 18.36
N THR A 31 -14.63 -20.06 17.25
CA THR A 31 -13.22 -19.90 16.90
C THR A 31 -12.91 -18.49 16.41
N LEU A 32 -13.90 -17.83 15.82
CA LEU A 32 -13.71 -16.49 15.28
C LEU A 32 -13.43 -15.48 16.37
N LEU A 33 -14.24 -15.53 17.43
CA LEU A 33 -14.08 -14.60 18.55
C LEU A 33 -12.74 -14.83 19.26
N ALA A 34 -12.28 -16.07 19.24
CA ALA A 34 -10.98 -16.41 19.82
C ALA A 34 -9.85 -15.79 19.02
N LEU A 35 -10.06 -15.66 17.71
CA LEU A 35 -9.06 -15.07 16.83
C LEU A 35 -9.20 -13.56 16.75
N LEU A 36 -10.44 -13.09 16.69
CA LEU A 36 -10.71 -11.66 16.56
C LEU A 36 -10.22 -10.90 17.79
N ALA A 37 -10.50 -11.43 18.97
CA ALA A 37 -10.05 -10.82 20.22
C ALA A 37 -8.53 -10.90 20.34
N LEU A 38 -7.95 -11.96 19.75
CA LEU A 38 -6.50 -12.12 19.73
C LEU A 38 -5.87 -11.06 18.84
N VAL A 39 -6.51 -10.80 17.69
CA VAL A 39 -6.03 -9.79 16.76
C VAL A 39 -6.16 -8.39 17.36
N LEU A 40 -7.25 -8.15 18.09
CA LEU A 40 -7.47 -6.87 18.75
C LEU A 40 -6.38 -6.61 19.78
N LEU A 41 -6.09 -7.62 20.60
CA LEU A 41 -5.04 -7.52 21.60
C LEU A 41 -3.66 -7.46 20.95
N TYR A 42 -3.54 -8.03 19.76
CA TYR A 42 -2.29 -8.02 19.02
C TYR A 42 -2.03 -6.65 18.40
N LEU A 43 -3.09 -6.03 17.90
CA LEU A 43 -2.99 -4.68 17.34
C LEU A 43 -2.71 -3.66 18.43
N VAL A 44 -3.26 -3.90 19.61
CA VAL A 44 -3.04 -3.02 20.76
C VAL A 44 -1.61 -3.14 21.26
N SER A 45 -1.16 -4.38 21.43
CA SER A 45 0.20 -4.64 21.89
C SER A 45 1.22 -4.14 20.88
N GLY A 46 0.87 -4.22 19.61
CA GLY A 46 1.74 -3.72 18.55
C GLY A 46 1.80 -2.21 18.54
N ALA A 47 0.68 -1.58 18.93
CA ALA A 47 0.60 -0.12 18.94
C ALA A 47 1.32 0.48 20.14
N LEU A 48 1.15 -0.14 21.31
CA LEU A 48 1.76 0.36 22.54
C LEU A 48 3.28 0.22 22.49
N VAL A 49 3.76 -0.80 21.79
CA VAL A 49 5.19 -0.97 21.57
C VAL A 49 5.67 0.04 20.53
N PHE A 50 4.87 0.23 19.49
CA PHE A 50 5.16 1.24 18.47
C PHE A 50 5.16 2.65 19.06
N ARG A 51 4.31 2.85 20.08
CA ARG A 51 4.21 4.14 20.73
C ARG A 51 5.53 4.52 21.39
N ALA A 52 6.04 3.63 22.23
CA ALA A 52 7.26 3.89 22.98
C ALA A 52 8.50 3.98 22.08
N LEU A 53 8.43 3.36 20.91
CA LEU A 53 9.57 3.32 20.00
C LEU A 53 9.66 4.54 19.10
N GLU A 54 8.59 5.33 19.02
CA GLU A 54 8.55 6.43 18.07
C GLU A 54 8.14 7.77 18.69
N GLN A 55 7.49 7.71 19.84
CA GLN A 55 7.10 8.93 20.57
C GLN A 55 8.31 9.81 20.96
N PRO A 56 9.42 9.20 21.43
CA PRO A 56 10.56 10.08 21.74
C PRO A 56 11.12 10.81 20.53
N HIS A 57 11.12 10.18 19.36
CA HIS A 57 11.58 10.84 18.14
C HIS A 57 10.47 11.69 17.53
N GLU A 58 9.25 11.18 17.57
CA GLU A 58 8.04 11.92 17.20
C GLU A 58 8.06 12.52 15.79
N GLN A 59 7.13 13.42 15.55
CA GLN A 59 6.97 14.08 14.26
C GLN A 59 7.94 15.24 14.07
N GLN A 60 8.09 15.67 12.82
CA GLN A 60 8.88 16.84 12.49
C GLN A 60 7.97 18.02 12.14
N ALA A 61 6.69 17.87 12.43
CA ALA A 61 5.67 18.83 12.02
C ALA A 61 5.77 20.17 12.75
N GLN A 62 5.24 21.21 12.12
CA GLN A 62 5.13 22.55 12.68
C GLN A 62 6.47 23.14 13.09
N ARG A 63 6.94 22.80 14.30
CA ARG A 63 8.16 23.39 14.83
C ARG A 63 9.40 22.90 14.08
N GLU A 64 9.46 23.23 12.79
CA GLU A 64 10.62 22.96 11.95
C GLU A 64 10.57 23.98 10.83
N LEU A 65 9.34 24.23 10.35
CA LEU A 65 9.08 25.30 9.42
C LEU A 65 9.16 26.64 10.15
N GLY A 66 8.69 26.66 11.39
CA GLY A 66 8.65 27.87 12.18
C GLY A 66 10.02 28.35 12.62
N GLU A 67 10.93 27.41 12.82
CA GLU A 67 12.27 27.74 13.29
C GLU A 67 13.26 27.91 12.14
N VAL A 68 12.94 27.35 10.98
CA VAL A 68 13.74 27.59 9.78
C VAL A 68 13.28 28.90 9.15
N ARG A 69 12.10 29.36 9.56
CA ARG A 69 11.56 30.64 9.11
C ARG A 69 12.33 31.76 9.78
N GLU A 70 12.55 31.63 11.08
CA GLU A 70 13.30 32.60 11.85
C GLU A 70 14.80 32.45 11.61
N LYS A 71 15.19 31.29 11.10
CA LYS A 71 16.57 31.05 10.71
C LYS A 71 16.90 31.88 9.48
N PHE A 72 15.87 32.18 8.70
CA PHE A 72 16.01 32.95 7.48
C PHE A 72 15.95 34.46 7.74
N LEU A 73 15.09 34.85 8.67
CA LEU A 73 14.92 36.26 9.02
C LEU A 73 16.17 36.84 9.63
N ARG A 74 16.87 36.03 10.44
CA ARG A 74 18.07 36.48 11.12
C ARG A 74 19.27 36.52 10.19
N ALA A 75 19.33 35.57 9.26
CA ALA A 75 20.45 35.50 8.32
C ALA A 75 20.28 36.42 7.13
N HIS A 76 19.06 36.93 6.93
CA HIS A 76 18.77 37.79 5.79
C HIS A 76 17.83 38.93 6.15
N PRO A 77 18.40 40.12 6.41
CA PRO A 77 17.65 41.32 6.80
C PRO A 77 16.75 41.89 5.72
N CYS A 78 17.12 41.72 4.45
CA CYS A 78 16.42 42.39 3.35
C CYS A 78 15.05 41.79 3.05
N VAL A 79 14.78 40.61 3.60
CA VAL A 79 13.50 39.94 3.39
C VAL A 79 12.53 40.19 4.55
N SER A 80 11.40 40.82 4.25
CA SER A 80 10.37 41.05 5.26
C SER A 80 9.60 39.76 5.55
N ASP A 81 8.96 39.71 6.71
CA ASP A 81 8.19 38.53 7.11
C ASP A 81 7.05 38.25 6.14
N GLN A 82 6.46 39.31 5.61
CA GLN A 82 5.36 39.19 4.66
C GLN A 82 5.82 38.57 3.35
N GLU A 83 7.03 38.92 2.93
CA GLU A 83 7.60 38.40 1.69
C GLU A 83 7.97 36.94 1.80
N LEU A 84 8.56 36.56 2.93
CA LEU A 84 8.94 35.17 3.17
C LEU A 84 7.71 34.28 3.33
N GLY A 85 6.66 34.83 3.92
CA GLY A 85 5.42 34.10 4.13
C GLY A 85 4.77 33.72 2.82
N LEU A 86 4.83 34.62 1.85
CA LEU A 86 4.29 34.35 0.52
C LEU A 86 5.17 33.33 -0.20
N LEU A 87 6.46 33.36 0.08
CA LEU A 87 7.41 32.43 -0.54
C LEU A 87 7.09 30.99 -0.17
N ILE A 88 6.71 30.77 1.09
CA ILE A 88 6.37 29.44 1.58
C ILE A 88 5.11 28.93 0.90
N LYS A 89 4.10 29.81 0.77
CA LYS A 89 2.85 29.42 0.11
C LYS A 89 3.04 29.28 -1.39
N GLU A 90 3.99 30.03 -1.95
CA GLU A 90 4.30 29.91 -3.37
C GLU A 90 5.01 28.60 -3.67
N VAL A 91 5.83 28.14 -2.74
CA VAL A 91 6.55 26.88 -2.94
C VAL A 91 5.69 25.70 -2.49
N ALA A 92 4.81 25.92 -1.53
CA ALA A 92 3.90 24.87 -1.07
C ALA A 92 2.90 24.53 -2.17
N ASP A 93 2.50 25.54 -2.94
CA ASP A 93 1.63 25.34 -4.09
C ASP A 93 2.42 24.67 -5.22
N ALA A 94 3.73 24.88 -5.21
CA ALA A 94 4.60 24.27 -6.20
C ALA A 94 4.87 22.81 -5.86
N LEU A 95 5.13 22.54 -4.57
CA LEU A 95 5.35 21.18 -4.09
C LEU A 95 4.08 20.36 -4.17
N GLY A 96 2.93 21.04 -4.17
CA GLY A 96 1.64 20.41 -4.29
C GLY A 96 1.28 20.10 -5.74
N GLY A 97 2.28 20.19 -6.62
CA GLY A 97 2.09 19.88 -8.03
C GLY A 97 3.14 18.92 -8.55
N GLY A 98 4.25 18.82 -7.82
CA GLY A 98 5.32 17.92 -8.20
C GLY A 98 6.68 18.60 -8.26
N ALA A 99 6.94 19.49 -7.30
CA ALA A 99 8.23 20.18 -7.25
C ALA A 99 9.29 19.35 -6.54
N ASP A 100 10.50 19.36 -7.07
CA ASP A 100 11.62 18.64 -6.47
C ASP A 100 12.74 19.58 -6.05
N PRO A 101 12.99 19.68 -4.74
CA PRO A 101 14.11 20.45 -4.20
C PRO A 101 15.45 19.89 -4.65
N GLU A 102 16.41 20.76 -4.94
CA GLU A 102 17.71 20.32 -5.43
C GLU A 102 18.69 20.06 -4.29
N HIS A 111 15.63 15.18 -13.14
CA HIS A 111 15.00 13.88 -13.04
C HIS A 111 13.48 14.00 -12.91
N SER A 112 12.77 13.61 -13.97
CA SER A 112 11.32 13.68 -13.99
C SER A 112 10.70 12.60 -13.09
N ALA A 113 9.53 12.89 -12.55
CA ALA A 113 8.84 11.96 -11.67
C ALA A 113 7.85 11.07 -12.43
N TRP A 114 7.60 11.40 -13.69
CA TRP A 114 6.63 10.65 -14.48
C TRP A 114 7.18 10.26 -15.85
N ASP A 115 8.47 9.99 -15.92
CA ASP A 115 9.09 9.46 -17.12
C ASP A 115 8.60 8.03 -17.37
N LEU A 116 9.00 7.45 -18.50
CA LEU A 116 8.52 6.12 -18.89
C LEU A 116 8.86 5.06 -17.84
N GLY A 117 9.97 5.26 -17.13
CA GLY A 117 10.40 4.32 -16.11
C GLY A 117 9.55 4.36 -14.87
N SER A 118 9.45 5.54 -14.25
CA SER A 118 8.70 5.69 -13.01
C SER A 118 7.20 5.54 -13.21
N ALA A 119 6.72 5.88 -14.40
CA ALA A 119 5.31 5.68 -14.72
C ALA A 119 5.01 4.19 -14.83
N PHE A 120 5.97 3.45 -15.36
CA PHE A 120 5.87 1.99 -15.41
C PHE A 120 5.98 1.43 -14.00
N PHE A 121 6.84 2.06 -13.20
CA PHE A 121 7.01 1.69 -11.80
C PHE A 121 5.71 1.94 -11.04
N PHE A 122 5.09 3.09 -11.31
CA PHE A 122 3.85 3.46 -10.64
C PHE A 122 2.71 2.51 -10.98
N SER A 123 2.72 2.01 -12.21
CA SER A 123 1.70 1.06 -12.65
C SER A 123 1.82 -0.26 -11.90
N ILE A 124 3.05 -0.70 -11.68
CA ILE A 124 3.32 -1.96 -10.99
C ILE A 124 2.90 -1.88 -9.53
N THR A 125 3.10 -0.73 -8.91
CA THR A 125 2.74 -0.53 -7.51
C THR A 125 1.23 -0.66 -7.31
N ILE A 126 0.47 -0.52 -8.39
CA ILE A 126 -0.97 -0.66 -8.34
C ILE A 126 -1.42 -2.12 -8.37
N ILE A 127 -1.02 -2.84 -9.41
CA ILE A 127 -1.45 -4.23 -9.59
C ILE A 127 -0.87 -5.15 -8.54
N THR A 128 0.33 -4.82 -8.05
CA THR A 128 0.99 -5.63 -7.03
C THR A 128 0.50 -5.25 -5.64
N THR A 129 -0.35 -4.22 -5.59
CA THR A 129 -0.93 -3.73 -4.33
C THR A 129 0.12 -3.27 -3.33
N ILE A 130 1.34 -3.05 -3.80
CA ILE A 130 2.40 -2.53 -2.94
C ILE A 130 2.15 -1.05 -2.69
N GLY A 131 2.00 -0.29 -3.76
CA GLY A 131 1.62 1.12 -3.69
C GLY A 131 2.45 1.98 -2.78
N TYR A 132 3.70 2.25 -3.18
CA TYR A 132 4.58 3.07 -2.37
C TYR A 132 4.01 4.46 -2.12
N GLY A 133 3.44 5.06 -3.16
CA GLY A 133 2.88 6.39 -3.06
C GLY A 133 3.94 7.47 -3.03
N ASN A 134 5.18 7.09 -3.30
CA ASN A 134 6.29 8.05 -3.34
C ASN A 134 6.05 9.11 -4.42
N VAL A 135 5.46 8.68 -5.53
CA VAL A 135 4.99 9.60 -6.55
C VAL A 135 3.47 9.58 -6.55
N ALA A 136 2.87 10.72 -6.19
CA ALA A 136 1.42 10.79 -6.00
C ALA A 136 0.68 11.29 -7.24
N LEU A 137 -0.56 10.83 -7.39
CA LEU A 137 -1.44 11.35 -8.43
C LEU A 137 -1.96 12.72 -8.04
N ARG A 138 -2.03 13.63 -9.01
CA ARG A 138 -2.49 14.98 -8.74
C ARG A 138 -3.62 15.36 -9.69
N THR A 139 -3.56 14.85 -10.91
CA THR A 139 -4.61 15.08 -11.89
C THR A 139 -5.89 14.36 -11.47
N ASP A 140 -7.02 15.05 -11.57
CA ASP A 140 -8.31 14.45 -11.27
C ASP A 140 -8.68 13.39 -12.31
N ALA A 141 -8.22 13.61 -13.54
CA ALA A 141 -8.45 12.66 -14.62
C ALA A 141 -7.62 11.40 -14.42
N GLY A 142 -6.43 11.55 -13.84
CA GLY A 142 -5.54 10.44 -13.58
C GLY A 142 -6.02 9.57 -12.45
N ARG A 143 -6.68 10.19 -11.47
CA ARG A 143 -7.20 9.49 -10.30
C ARG A 143 -8.38 8.58 -10.66
N LEU A 144 -9.19 9.02 -11.63
CA LEU A 144 -10.31 8.22 -12.09
C LEU A 144 -9.83 7.01 -12.87
N PHE A 145 -8.88 7.23 -13.77
CA PHE A 145 -8.31 6.17 -14.59
C PHE A 145 -7.57 5.16 -13.73
N CYS A 146 -6.98 5.63 -12.64
CA CYS A 146 -6.27 4.77 -11.70
C CYS A 146 -7.22 3.82 -10.98
N ILE A 147 -8.43 4.27 -10.71
CA ILE A 147 -9.43 3.46 -10.03
C ILE A 147 -9.76 2.22 -10.86
N PHE A 148 -10.11 2.43 -12.12
CA PHE A 148 -10.43 1.33 -13.02
C PHE A 148 -9.18 0.49 -13.32
N TYR A 149 -8.01 1.14 -13.30
CA TYR A 149 -6.76 0.45 -13.54
C TYR A 149 -6.44 -0.50 -12.39
N ALA A 150 -6.91 -0.14 -11.19
CA ALA A 150 -6.71 -0.98 -10.02
C ALA A 150 -7.77 -2.09 -9.94
N LEU A 151 -9.01 -1.74 -10.27
CA LEU A 151 -10.11 -2.70 -10.23
C LEU A 151 -9.93 -3.83 -11.24
N VAL A 152 -9.20 -3.54 -12.31
CA VAL A 152 -8.96 -4.54 -13.34
C VAL A 152 -7.55 -5.12 -13.25
N GLY A 153 -6.58 -4.25 -12.98
CA GLY A 153 -5.19 -4.65 -12.98
C GLY A 153 -4.78 -5.65 -11.91
N ILE A 154 -5.32 -5.47 -10.70
CA ILE A 154 -4.98 -6.35 -9.59
C ILE A 154 -5.49 -7.79 -9.79
N PRO A 155 -6.75 -7.97 -10.22
CA PRO A 155 -7.13 -9.36 -10.52
C PRO A 155 -6.30 -9.96 -11.66
N LEU A 156 -5.91 -9.13 -12.63
CA LEU A 156 -5.15 -9.61 -13.77
C LEU A 156 -3.77 -10.09 -13.35
N PHE A 157 -3.12 -9.33 -12.47
CA PHE A 157 -1.83 -9.72 -11.91
C PHE A 157 -2.03 -10.82 -10.88
N GLY A 158 -3.23 -10.90 -10.32
CA GLY A 158 -3.56 -11.93 -9.35
C GLY A 158 -3.62 -13.31 -9.98
N ILE A 159 -4.17 -13.37 -11.18
CA ILE A 159 -4.25 -14.62 -11.92
C ILE A 159 -2.86 -15.04 -12.41
N LEU A 160 -2.09 -14.07 -12.90
CA LEU A 160 -0.76 -14.34 -13.41
C LEU A 160 0.17 -14.86 -12.31
N LEU A 161 0.00 -14.31 -11.11
CA LEU A 161 0.84 -14.72 -9.98
C LEU A 161 0.59 -16.17 -9.60
N ALA A 162 -0.66 -16.61 -9.79
CA ALA A 162 -1.01 -18.01 -9.59
C ALA A 162 -0.37 -18.88 -10.66
N GLY A 163 -0.18 -18.30 -11.84
CA GLY A 163 0.42 -19.01 -12.96
C GLY A 163 1.89 -19.31 -12.72
N VAL A 164 2.54 -18.46 -11.94
CA VAL A 164 3.92 -18.69 -11.55
C VAL A 164 3.96 -19.42 -10.20
N GLY A 165 2.85 -20.08 -9.89
CA GLY A 165 2.77 -20.94 -8.71
C GLY A 165 2.37 -22.34 -9.14
N ASP A 166 1.58 -22.43 -10.21
CA ASP A 166 1.19 -23.70 -10.78
C ASP A 166 2.34 -24.30 -11.58
N ARG A 167 3.02 -23.47 -12.35
CA ARG A 167 4.19 -23.88 -13.11
C ARG A 167 5.34 -24.22 -12.16
N LEU A 168 5.38 -23.53 -11.03
CA LEU A 168 6.37 -23.81 -10.00
C LEU A 168 5.99 -25.07 -9.23
N GLY A 169 4.74 -25.50 -9.39
CA GLY A 169 4.27 -26.74 -8.80
C GLY A 169 4.92 -27.94 -9.46
N SER A 170 5.23 -27.80 -10.76
CA SER A 170 5.95 -28.83 -11.48
C SER A 170 7.38 -28.91 -11.00
N SER A 171 7.94 -27.76 -10.61
CA SER A 171 9.26 -27.72 -10.02
C SER A 171 9.25 -28.41 -8.66
N LEU A 172 8.08 -28.41 -8.01
CA LEU A 172 7.90 -29.05 -6.71
C LEU A 172 7.68 -30.55 -6.86
N ARG A 173 6.95 -30.94 -7.89
CA ARG A 173 6.71 -32.34 -8.15
C ARG A 173 8.05 -32.99 -8.49
N HIS A 174 8.88 -32.26 -9.23
CA HIS A 174 10.22 -32.71 -9.53
C HIS A 174 11.07 -32.72 -8.26
N GLY A 175 10.66 -31.92 -7.28
CA GLY A 175 11.38 -31.81 -6.02
C GLY A 175 11.12 -32.95 -5.05
N ILE A 176 9.92 -33.52 -5.10
CA ILE A 176 9.55 -34.59 -4.17
C ILE A 176 10.37 -35.86 -4.42
N GLY A 177 10.96 -35.96 -5.60
CA GLY A 177 11.84 -37.07 -5.91
C GLY A 177 13.17 -36.91 -5.19
N HIS A 178 13.54 -35.66 -4.93
CA HIS A 178 14.79 -35.35 -4.25
C HIS A 178 14.69 -35.60 -2.75
N ILE A 179 13.51 -35.34 -2.19
CA ILE A 179 13.33 -35.39 -0.75
C ILE A 179 13.38 -36.82 -0.20
N GLU A 180 13.01 -37.79 -1.03
CA GLU A 180 12.98 -39.18 -0.58
C GLU A 180 14.38 -39.77 -0.56
N ALA A 181 15.15 -39.48 -1.60
CA ALA A 181 16.54 -39.93 -1.66
C ALA A 181 17.43 -39.06 -0.77
N ILE A 182 18.54 -39.62 -0.34
CA ILE A 182 19.59 -38.90 0.39
C ILE A 182 19.16 -38.32 1.74
N PHE A 183 18.05 -37.58 1.75
CA PHE A 183 17.66 -36.78 2.91
C PHE A 183 17.34 -37.58 4.17
N LEU A 184 16.80 -38.79 4.01
CA LEU A 184 16.37 -39.58 5.16
C LEU A 184 17.33 -40.72 5.48
N LYS A 185 18.49 -40.73 4.82
CA LYS A 185 19.45 -41.82 5.01
C LYS A 185 20.20 -41.72 6.34
N TRP A 186 20.30 -40.50 6.88
CA TRP A 186 20.89 -40.30 8.20
C TRP A 186 19.83 -40.60 9.26
N HIS A 187 20.10 -40.22 10.50
CA HIS A 187 19.10 -40.29 11.56
C HIS A 187 18.05 -39.21 11.34
N VAL A 188 17.34 -39.31 10.22
CA VAL A 188 16.32 -38.34 9.83
C VAL A 188 15.10 -39.05 9.28
N PRO A 189 13.95 -38.91 9.98
CA PRO A 189 12.70 -39.57 9.59
C PRO A 189 12.16 -39.07 8.25
N PRO A 190 11.59 -40.00 7.44
CA PRO A 190 11.01 -39.71 6.13
C PRO A 190 9.81 -38.75 6.17
N GLU A 191 9.04 -38.81 7.26
CA GLU A 191 7.85 -37.97 7.38
C GLU A 191 8.23 -36.53 7.71
N LEU A 192 9.19 -36.38 8.61
CA LEU A 192 9.71 -35.05 8.94
C LEU A 192 10.62 -34.54 7.83
N VAL A 193 11.06 -35.45 6.96
CA VAL A 193 11.85 -35.07 5.80
C VAL A 193 11.03 -34.14 4.91
N ARG A 194 9.72 -34.37 4.86
CA ARG A 194 8.80 -33.49 4.16
C ARG A 194 8.84 -32.09 4.74
N VAL A 195 9.06 -32.02 6.06
CA VAL A 195 9.11 -30.74 6.77
C VAL A 195 10.53 -30.19 6.84
N LEU A 196 11.51 -31.02 6.47
CA LEU A 196 12.91 -30.62 6.56
C LEU A 196 13.56 -30.41 5.18
N SER A 197 13.10 -31.14 4.17
CA SER A 197 13.60 -30.97 2.82
C SER A 197 12.98 -29.73 2.16
N ALA A 198 11.76 -29.42 2.55
CA ALA A 198 11.10 -28.20 2.08
C ALA A 198 11.75 -26.98 2.69
N MET A 199 12.44 -27.19 3.81
CA MET A 199 13.16 -26.12 4.50
C MET A 199 14.29 -25.59 3.61
N LEU A 200 14.90 -26.49 2.84
CA LEU A 200 15.96 -26.11 1.92
C LEU A 200 15.39 -25.35 0.73
N PHE A 201 14.24 -25.80 0.25
CA PHE A 201 13.56 -25.12 -0.85
C PHE A 201 13.10 -23.74 -0.41
N LEU A 202 12.73 -23.63 0.86
CA LEU A 202 12.36 -22.36 1.46
C LEU A 202 13.58 -21.46 1.63
N LEU A 203 14.68 -22.05 2.08
CA LEU A 203 15.88 -21.30 2.43
C LEU A 203 16.58 -20.71 1.21
N ILE A 204 16.74 -21.52 0.16
CA ILE A 204 17.45 -21.07 -1.04
C ILE A 204 16.67 -19.97 -1.75
N GLY A 205 15.36 -19.97 -1.58
CA GLY A 205 14.53 -18.90 -2.12
C GLY A 205 14.52 -17.71 -1.18
N CYS A 206 14.64 -17.98 0.11
CA CYS A 206 14.74 -16.93 1.11
C CYS A 206 16.13 -16.29 1.05
N LEU A 207 17.05 -16.97 0.39
CA LEU A 207 18.38 -16.44 0.16
C LEU A 207 18.43 -15.64 -1.14
N LEU A 208 17.76 -16.16 -2.16
CA LEU A 208 17.82 -15.57 -3.50
C LEU A 208 16.93 -14.33 -3.63
N PHE A 209 15.92 -14.21 -2.78
CA PHE A 209 14.95 -13.13 -2.91
C PHE A 209 14.80 -12.26 -1.66
N VAL A 210 15.57 -12.56 -0.63
CA VAL A 210 15.54 -11.74 0.59
C VAL A 210 16.94 -11.29 1.01
N LEU A 211 17.84 -12.25 1.18
CA LEU A 211 19.21 -11.94 1.59
C LEU A 211 20.01 -11.31 0.45
N THR A 212 19.82 -11.81 -0.76
CA THR A 212 20.53 -11.30 -1.94
C THR A 212 20.19 -9.84 -2.29
N PRO A 213 18.88 -9.48 -2.33
CA PRO A 213 18.60 -8.08 -2.66
C PRO A 213 19.06 -7.09 -1.59
N THR A 214 19.08 -7.52 -0.33
CA THR A 214 19.47 -6.63 0.76
C THR A 214 20.95 -6.25 0.66
N PHE A 215 21.79 -7.21 0.31
CA PHE A 215 23.21 -6.96 0.12
C PHE A 215 23.44 -6.06 -1.10
N VAL A 216 22.54 -6.16 -2.07
CA VAL A 216 22.63 -5.33 -3.27
C VAL A 216 22.15 -3.91 -3.00
N PHE A 217 21.01 -3.79 -2.32
CA PHE A 217 20.43 -2.48 -2.04
C PHE A 217 21.30 -1.64 -1.10
N CYS A 218 22.06 -2.32 -0.24
CA CYS A 218 22.99 -1.62 0.65
C CYS A 218 24.16 -1.04 -0.12
N TYR A 219 24.49 -1.65 -1.26
CA TYR A 219 25.61 -1.22 -2.07
C TYR A 219 25.18 -0.41 -3.29
N MET A 220 23.88 -0.35 -3.52
CA MET A 220 23.34 0.40 -4.65
C MET A 220 22.57 1.64 -4.20
N GLU A 221 21.79 1.49 -3.14
CA GLU A 221 21.01 2.59 -2.58
C GLU A 221 21.68 3.17 -1.34
N ASP A 222 22.81 2.58 -0.95
CA ASP A 222 23.59 3.02 0.21
C ASP A 222 22.79 3.00 1.51
N TRP A 223 21.80 2.12 1.57
CA TRP A 223 21.03 1.92 2.80
C TRP A 223 21.80 1.07 3.79
N SER A 224 21.49 1.22 5.07
CA SER A 224 22.14 0.42 6.11
C SER A 224 21.70 -1.04 5.99
N LYS A 225 22.40 -1.94 6.68
CA LYS A 225 22.13 -3.36 6.58
C LYS A 225 20.72 -3.72 7.04
N LEU A 226 20.17 -2.93 7.94
CA LEU A 226 18.80 -3.15 8.42
C LEU A 226 17.76 -2.53 7.50
N GLU A 227 18.07 -1.35 6.97
CA GLU A 227 17.13 -0.61 6.14
C GLU A 227 16.77 -1.34 4.85
N ALA A 228 17.72 -2.10 4.32
CA ALA A 228 17.47 -2.90 3.13
C ALA A 228 16.48 -4.01 3.43
N ILE A 229 16.64 -4.64 4.58
CA ILE A 229 15.73 -5.69 5.04
C ILE A 229 14.36 -5.10 5.32
N TYR A 230 14.34 -3.88 5.85
CA TYR A 230 13.11 -3.16 6.10
C TYR A 230 12.38 -2.91 4.78
N PHE A 231 13.13 -2.62 3.73
CA PHE A 231 12.55 -2.40 2.42
C PHE A 231 12.00 -3.69 1.80
N VAL A 232 12.84 -4.72 1.78
CA VAL A 232 12.49 -5.98 1.16
C VAL A 232 11.24 -6.62 1.77
N ILE A 233 11.19 -6.66 3.10
CA ILE A 233 10.06 -7.26 3.80
C ILE A 233 8.78 -6.49 3.54
N VAL A 234 8.85 -5.16 3.62
CA VAL A 234 7.70 -4.30 3.37
C VAL A 234 7.27 -4.37 1.91
N THR A 235 8.24 -4.51 1.01
CA THR A 235 7.95 -4.62 -0.42
C THR A 235 7.22 -5.91 -0.76
N LEU A 236 7.79 -7.04 -0.32
CA LEU A 236 7.24 -8.35 -0.65
C LEU A 236 5.90 -8.62 0.02
N THR A 237 5.69 -8.05 1.20
CA THR A 237 4.43 -8.19 1.92
C THR A 237 3.36 -7.27 1.34
N THR A 238 3.73 -6.50 0.33
CA THR A 238 2.85 -5.56 -0.35
C THR A 238 2.26 -4.51 0.60
N VAL A 239 2.96 -4.25 1.70
CA VAL A 239 2.58 -3.17 2.61
C VAL A 239 2.93 -1.83 1.97
N GLY A 240 4.13 -1.76 1.41
CA GLY A 240 4.57 -0.61 0.62
C GLY A 240 4.46 0.74 1.30
N PHE A 241 5.20 0.93 2.39
CA PHE A 241 5.19 2.20 3.11
C PHE A 241 5.69 3.35 2.25
N GLY A 242 6.62 3.06 1.36
CA GLY A 242 7.14 4.06 0.44
C GLY A 242 8.27 4.91 1.02
N ASP A 243 8.57 4.71 2.30
CA ASP A 243 9.67 5.43 2.93
C ASP A 243 11.00 5.12 2.26
N TYR A 244 11.11 3.88 1.76
CA TYR A 244 12.28 3.47 0.99
C TYR A 244 11.85 2.97 -0.39
N VAL A 245 12.56 3.38 -1.42
CA VAL A 245 12.28 2.94 -2.78
C VAL A 245 13.59 2.62 -3.51
N ALA A 246 13.72 1.37 -3.95
CA ALA A 246 14.92 0.94 -4.66
C ALA A 246 14.82 1.17 -6.15
N GLY A 247 14.08 2.20 -6.55
CA GLY A 247 13.89 2.51 -7.96
C GLY A 247 13.47 3.94 -8.20
N ALA A 248 13.96 4.86 -7.37
CA ALA A 248 13.67 6.27 -7.53
C ALA A 248 14.23 6.79 -8.85
N ASP A 249 15.48 6.45 -9.13
CA ASP A 249 16.14 6.82 -10.37
C ASP A 249 17.44 6.04 -10.51
N PRO A 250 17.58 5.27 -11.61
CA PRO A 250 18.70 4.35 -11.81
C PRO A 250 19.94 5.01 -12.39
N ARG A 251 20.50 5.99 -11.68
CA ARG A 251 21.72 6.68 -12.11
C ARG A 251 21.64 7.15 -13.56
N GLN A 252 22.72 6.93 -14.30
CA GLN A 252 22.77 7.25 -15.71
C GLN A 252 23.57 6.21 -16.47
N ASP A 253 24.07 5.22 -15.74
CA ASP A 253 24.84 4.14 -16.35
C ASP A 253 24.35 2.77 -15.89
N SER A 254 23.32 2.76 -15.06
CA SER A 254 22.72 1.50 -14.63
C SER A 254 22.08 0.80 -15.83
N PRO A 255 22.61 -0.38 -16.19
CA PRO A 255 22.21 -1.09 -17.41
C PRO A 255 20.74 -1.50 -17.41
N ALA A 256 20.35 -2.26 -16.39
CA ALA A 256 18.98 -2.75 -16.29
C ALA A 256 18.58 -2.85 -14.83
N TYR A 257 19.11 -1.94 -14.01
CA TYR A 257 18.88 -1.98 -12.57
C TYR A 257 17.39 -1.86 -12.23
N GLN A 258 16.73 -0.83 -12.73
CA GLN A 258 15.30 -0.67 -12.51
C GLN A 258 14.50 -1.82 -13.16
N PRO A 259 14.85 -2.23 -14.40
CA PRO A 259 14.21 -3.45 -14.89
C PRO A 259 14.46 -4.66 -14.00
N LEU A 260 15.63 -4.72 -13.37
CA LEU A 260 15.94 -5.79 -12.44
C LEU A 260 15.10 -5.66 -11.17
N VAL A 261 14.67 -4.43 -10.88
CA VAL A 261 13.91 -4.17 -9.66
C VAL A 261 12.49 -4.75 -9.73
N TRP A 262 11.75 -4.48 -10.80
CA TRP A 262 10.42 -5.08 -10.90
C TRP A 262 10.55 -6.59 -11.11
N PHE A 263 11.63 -7.01 -11.77
CA PHE A 263 11.89 -8.44 -11.95
C PHE A 263 12.12 -9.09 -10.61
N TRP A 264 12.77 -8.36 -9.70
CA TRP A 264 12.94 -8.84 -8.33
C TRP A 264 11.60 -8.92 -7.62
N ILE A 265 10.71 -8.00 -7.95
CA ILE A 265 9.37 -7.99 -7.36
C ILE A 265 8.46 -9.03 -8.01
N LEU A 266 8.41 -9.02 -9.34
CA LEU A 266 7.54 -9.91 -10.09
C LEU A 266 7.90 -11.38 -9.87
N LEU A 267 9.18 -11.66 -9.75
CA LEU A 267 9.65 -13.01 -9.45
C LEU A 267 9.63 -13.27 -7.95
N GLY A 268 9.87 -12.22 -7.17
CA GLY A 268 9.87 -12.32 -5.73
C GLY A 268 8.49 -12.56 -5.16
N LEU A 269 7.50 -11.87 -5.70
CA LEU A 269 6.12 -12.08 -5.31
C LEU A 269 5.65 -13.46 -5.75
N ALA A 270 6.16 -13.90 -6.90
CA ALA A 270 5.78 -15.18 -7.48
C ALA A 270 6.29 -16.37 -6.66
N TYR A 271 7.50 -16.25 -6.14
CA TYR A 271 8.11 -17.33 -5.38
C TYR A 271 7.36 -17.59 -4.08
N PHE A 272 7.16 -16.53 -3.30
CA PHE A 272 6.45 -16.64 -2.03
C PHE A 272 4.98 -16.97 -2.23
N ALA A 273 4.44 -16.65 -3.40
CA ALA A 273 3.07 -17.03 -3.73
C ALA A 273 2.96 -18.54 -3.88
N SER A 274 4.00 -19.16 -4.42
CA SER A 274 4.02 -20.61 -4.61
C SER A 274 4.27 -21.33 -3.29
N VAL A 275 5.25 -20.85 -2.54
CA VAL A 275 5.65 -21.47 -1.28
C VAL A 275 4.52 -21.42 -0.25
N LEU A 276 3.78 -20.33 -0.24
CA LEU A 276 2.67 -20.18 0.71
C LEU A 276 1.44 -20.97 0.27
N THR A 277 1.39 -21.37 -1.00
CA THR A 277 0.30 -22.20 -1.49
C THR A 277 0.71 -23.68 -1.42
N THR A 278 2.02 -23.92 -1.52
CA THR A 278 2.59 -25.25 -1.41
C THR A 278 2.48 -25.75 0.01
N ILE A 279 2.69 -24.84 0.96
CA ILE A 279 2.57 -25.15 2.38
C ILE A 279 1.09 -25.35 2.73
N GLY A 280 0.21 -24.96 1.81
CA GLY A 280 -1.21 -25.16 1.96
C GLY A 280 -1.60 -26.62 1.76
N ASN A 281 -1.08 -27.48 2.62
CA ASN A 281 -1.37 -28.91 2.54
C ASN A 281 -2.81 -29.22 2.93
N ARG B 28 0.55 -25.00 -17.95
CA ARG B 28 0.28 -24.70 -19.35
C ARG B 28 1.25 -23.66 -19.90
N SER B 29 2.07 -24.09 -20.86
CA SER B 29 3.09 -23.22 -21.44
C SER B 29 2.50 -22.09 -22.26
N THR B 30 1.37 -22.34 -22.90
CA THR B 30 0.76 -21.35 -23.79
C THR B 30 -0.12 -20.34 -23.05
N THR B 31 -0.89 -20.83 -22.08
CA THR B 31 -1.83 -19.97 -21.36
C THR B 31 -1.12 -19.03 -20.39
N LEU B 32 0.04 -19.46 -19.90
CA LEU B 32 0.80 -18.66 -18.95
C LEU B 32 1.41 -17.43 -19.62
N LEU B 33 2.12 -17.65 -20.73
CA LEU B 33 2.75 -16.55 -21.45
C LEU B 33 1.73 -15.64 -22.13
N ALA B 34 0.56 -16.19 -22.45
CA ALA B 34 -0.50 -15.42 -23.07
C ALA B 34 -1.05 -14.36 -22.12
N LEU B 35 -1.04 -14.67 -20.84
CA LEU B 35 -1.50 -13.74 -19.82
C LEU B 35 -0.37 -12.80 -19.40
N LEU B 36 0.83 -13.34 -19.31
CA LEU B 36 2.00 -12.56 -18.91
C LEU B 36 2.28 -11.44 -19.91
N ALA B 37 2.24 -11.78 -21.20
CA ALA B 37 2.41 -10.79 -22.25
C ALA B 37 1.23 -9.81 -22.25
N LEU B 38 0.06 -10.31 -21.88
CA LEU B 38 -1.12 -9.47 -21.76
C LEU B 38 -0.97 -8.50 -20.59
N VAL B 39 -0.32 -8.98 -19.53
CA VAL B 39 -0.05 -8.14 -18.36
C VAL B 39 1.02 -7.10 -18.67
N LEU B 40 2.06 -7.52 -19.39
CA LEU B 40 3.15 -6.62 -19.76
C LEU B 40 2.66 -5.49 -20.66
N LEU B 41 1.82 -5.83 -21.63
CA LEU B 41 1.21 -4.82 -22.50
C LEU B 41 0.24 -3.96 -21.69
N TYR B 42 -0.36 -4.55 -20.68
CA TYR B 42 -1.28 -3.84 -19.79
C TYR B 42 -0.52 -2.90 -18.86
N LEU B 43 0.69 -3.31 -18.48
CA LEU B 43 1.54 -2.47 -17.66
C LEU B 43 2.08 -1.28 -18.43
N VAL B 44 2.37 -1.49 -19.71
CA VAL B 44 2.89 -0.44 -20.56
C VAL B 44 1.79 0.57 -20.90
N SER B 45 0.63 0.06 -21.31
CA SER B 45 -0.49 0.90 -21.69
C SER B 45 -0.96 1.77 -20.53
N GLY B 46 -0.90 1.21 -19.32
CA GLY B 46 -1.29 1.95 -18.12
C GLY B 46 -0.32 3.07 -17.81
N ALA B 47 0.96 2.82 -18.03
CA ALA B 47 2.00 3.81 -17.77
C ALA B 47 1.96 4.95 -18.78
N LEU B 48 1.65 4.62 -20.03
CA LEU B 48 1.60 5.62 -21.09
C LEU B 48 0.41 6.56 -20.92
N VAL B 49 -0.69 6.04 -20.41
CA VAL B 49 -1.86 6.87 -20.11
C VAL B 49 -1.59 7.69 -18.86
N PHE B 50 -0.92 7.08 -17.88
CA PHE B 50 -0.51 7.78 -16.67
C PHE B 50 0.47 8.90 -16.99
N ARG B 51 1.35 8.64 -17.95
CA ARG B 51 2.32 9.64 -18.38
C ARG B 51 1.61 10.83 -19.02
N ALA B 52 0.60 10.55 -19.82
CA ALA B 52 -0.14 11.61 -20.52
C ALA B 52 -1.00 12.43 -19.57
N LEU B 53 -1.31 11.87 -18.41
CA LEU B 53 -2.21 12.53 -17.47
C LEU B 53 -1.48 13.27 -16.34
N GLU B 54 -0.21 12.93 -16.12
CA GLU B 54 0.53 13.48 -14.98
C GLU B 54 1.74 14.33 -15.38
N GLN B 55 2.34 14.03 -16.52
CA GLN B 55 3.52 14.76 -16.98
C GLN B 55 3.30 16.27 -17.16
N PRO B 56 2.20 16.68 -17.83
CA PRO B 56 2.03 18.13 -17.98
C PRO B 56 1.82 18.86 -16.65
N HIS B 57 1.19 18.20 -15.69
CA HIS B 57 0.96 18.81 -14.38
C HIS B 57 2.26 18.95 -13.60
N GLU B 58 3.18 18.02 -13.82
CA GLU B 58 4.48 18.04 -13.14
C GLU B 58 5.40 19.10 -13.75
N GLN B 59 5.43 19.14 -15.09
CA GLN B 59 6.25 20.11 -15.81
C GLN B 59 5.82 21.54 -15.48
N GLN B 60 4.52 21.73 -15.31
CA GLN B 60 3.97 23.03 -14.97
C GLN B 60 4.39 23.45 -13.56
N ALA B 61 4.36 22.49 -12.64
CA ALA B 61 4.70 22.75 -11.26
C ALA B 61 6.18 23.07 -11.08
N GLN B 62 7.02 22.46 -11.91
CA GLN B 62 8.46 22.68 -11.81
C GLN B 62 8.84 24.04 -12.39
N ARG B 63 8.19 24.42 -13.48
CA ARG B 63 8.39 25.74 -14.05
C ARG B 63 7.81 26.81 -13.13
N GLU B 64 6.75 26.45 -12.40
CA GLU B 64 6.17 27.35 -11.40
C GLU B 64 7.16 27.58 -10.27
N LEU B 65 7.84 26.51 -9.85
CA LEU B 65 8.90 26.64 -8.86
C LEU B 65 10.10 27.35 -9.47
N GLY B 66 10.27 27.20 -10.78
CA GLY B 66 11.35 27.84 -11.49
C GLY B 66 11.16 29.35 -11.58
N GLU B 67 9.90 29.78 -11.60
CA GLU B 67 9.58 31.20 -11.67
C GLU B 67 9.75 31.89 -10.32
N VAL B 68 9.21 31.27 -9.27
CA VAL B 68 9.29 31.83 -7.92
C VAL B 68 10.73 31.84 -7.43
N ARG B 69 11.53 30.89 -7.91
CA ARG B 69 12.95 30.83 -7.58
C ARG B 69 13.68 32.08 -8.06
N GLU B 70 13.24 32.63 -9.18
CA GLU B 70 13.89 33.79 -9.78
C GLU B 70 13.56 35.09 -9.06
N LYS B 71 12.27 35.35 -8.86
CA LYS B 71 11.83 36.64 -8.33
C LYS B 71 12.29 36.86 -6.89
N PHE B 72 12.45 35.79 -6.13
CA PHE B 72 12.91 35.90 -4.74
C PHE B 72 14.42 36.08 -4.71
N LEU B 73 15.08 35.69 -5.79
CA LEU B 73 16.51 35.92 -5.94
C LEU B 73 16.75 37.30 -6.53
N ARG B 74 15.82 37.74 -7.37
CA ARG B 74 15.87 39.06 -7.97
C ARG B 74 15.63 40.16 -6.94
N ALA B 75 14.52 40.04 -6.21
CA ALA B 75 14.12 41.05 -5.23
C ALA B 75 15.04 41.07 -4.02
N HIS B 76 15.75 39.97 -3.79
CA HIS B 76 16.61 39.85 -2.62
C HIS B 76 17.97 39.29 -2.98
N PRO B 77 18.88 40.18 -3.46
CA PRO B 77 20.24 39.80 -3.85
C PRO B 77 21.07 39.28 -2.68
N CYS B 78 20.75 39.72 -1.46
CA CYS B 78 21.45 39.26 -0.27
C CYS B 78 21.22 37.77 -0.05
N VAL B 79 20.04 37.31 -0.44
CA VAL B 79 19.74 35.88 -0.42
C VAL B 79 20.50 35.17 -1.52
N SER B 80 21.27 34.15 -1.16
CA SER B 80 22.03 33.38 -2.12
C SER B 80 21.12 32.44 -2.92
N ASP B 81 21.58 32.05 -4.10
CA ASP B 81 20.83 31.11 -4.93
C ASP B 81 20.72 29.76 -4.24
N GLN B 82 21.77 29.39 -3.50
CA GLN B 82 21.78 28.15 -2.74
C GLN B 82 20.99 28.28 -1.43
N GLU B 83 21.19 29.39 -0.74
CA GLU B 83 20.53 29.63 0.55
C GLU B 83 19.01 29.69 0.39
N LEU B 84 18.56 30.12 -0.79
CA LEU B 84 17.14 30.08 -1.11
C LEU B 84 16.68 28.63 -1.28
N GLY B 85 17.52 27.83 -1.93
CA GLY B 85 17.21 26.44 -2.18
C GLY B 85 17.23 25.58 -0.93
N LEU B 86 18.14 25.91 -0.01
CA LEU B 86 18.22 25.20 1.26
C LEU B 86 16.96 25.41 2.08
N LEU B 87 16.36 26.58 1.93
CA LEU B 87 15.08 26.87 2.57
C LEU B 87 13.97 26.05 1.93
N ILE B 88 13.97 26.01 0.60
CA ILE B 88 12.97 25.25 -0.16
C ILE B 88 12.97 23.79 0.28
N LYS B 89 14.16 23.25 0.50
CA LYS B 89 14.29 21.90 1.02
C LYS B 89 13.75 21.83 2.44
N GLU B 90 14.29 22.66 3.33
CA GLU B 90 13.91 22.64 4.74
C GLU B 90 12.43 22.91 4.98
N VAL B 91 11.77 23.55 4.02
CA VAL B 91 10.33 23.71 4.09
C VAL B 91 9.64 22.38 3.81
N ALA B 92 10.08 21.70 2.76
CA ALA B 92 9.49 20.42 2.37
C ALA B 92 10.09 19.25 3.13
N ASP B 93 11.41 19.19 3.18
CA ASP B 93 12.11 18.03 3.75
C ASP B 93 11.83 17.88 5.25
N ALA B 94 11.49 18.98 5.91
CA ALA B 94 11.09 18.93 7.31
C ALA B 94 9.59 18.67 7.42
N LEU B 95 8.79 19.64 7.00
CA LEU B 95 7.34 19.48 6.99
C LEU B 95 6.88 18.72 5.76
N GLY B 96 6.93 17.39 5.84
CA GLY B 96 6.51 16.52 4.77
C GLY B 96 5.03 16.55 4.45
N GLY B 97 4.18 16.07 5.35
CA GLY B 97 4.60 15.60 6.66
C GLY B 97 4.50 16.71 7.68
N GLY B 98 3.30 17.30 7.78
CA GLY B 98 3.08 18.48 8.59
C GLY B 98 2.95 19.68 7.66
N ALA B 99 2.14 20.66 8.06
CA ALA B 99 1.86 21.78 7.17
C ALA B 99 1.41 23.04 7.89
N ASP B 100 1.72 24.18 7.28
CA ASP B 100 1.23 25.47 7.73
C ASP B 100 0.79 26.28 6.51
N PRO B 101 -0.43 26.00 6.01
CA PRO B 101 -0.95 26.64 4.81
C PRO B 101 -1.59 28.00 5.11
N GLN B 108 -4.52 20.36 12.15
CA GLN B 108 -3.36 19.71 12.73
C GLN B 108 -2.88 20.45 13.98
N SER B 109 -3.79 20.67 14.92
CA SER B 109 -3.49 21.45 16.12
C SER B 109 -2.80 20.63 17.20
N SER B 110 -1.47 20.71 17.25
CA SER B 110 -0.66 20.11 18.30
C SER B 110 -0.89 18.61 18.48
N HIS B 111 -1.31 17.93 17.42
CA HIS B 111 -1.54 16.50 17.47
C HIS B 111 -0.22 15.73 17.47
N SER B 112 -0.20 14.59 18.15
CA SER B 112 0.97 13.72 18.14
C SER B 112 0.86 12.67 17.03
N ALA B 113 1.98 12.38 16.38
CA ALA B 113 1.99 11.43 15.28
C ALA B 113 2.01 9.98 15.77
N TRP B 114 2.29 9.80 17.06
CA TRP B 114 2.41 8.45 17.61
C TRP B 114 1.65 8.27 18.92
N ASP B 115 0.46 8.85 18.98
CA ASP B 115 -0.44 8.61 20.11
C ASP B 115 -1.05 7.22 19.98
N LEU B 116 -1.86 6.83 20.96
CA LEU B 116 -2.44 5.49 20.99
C LEU B 116 -3.34 5.24 19.78
N GLY B 117 -3.93 6.30 19.24
CA GLY B 117 -4.83 6.19 18.11
C GLY B 117 -4.12 5.93 16.79
N SER B 118 -3.19 6.80 16.43
CA SER B 118 -2.47 6.69 15.17
C SER B 118 -1.53 5.48 15.15
N ALA B 119 -1.03 5.10 16.33
CA ALA B 119 -0.20 3.91 16.44
C ALA B 119 -1.06 2.68 16.20
N PHE B 120 -2.29 2.72 16.69
CA PHE B 120 -3.26 1.65 16.45
C PHE B 120 -3.64 1.65 14.97
N PHE B 121 -3.65 2.83 14.37
CA PHE B 121 -3.90 2.97 12.95
C PHE B 121 -2.73 2.40 12.16
N PHE B 122 -1.53 2.78 12.57
CA PHE B 122 -0.31 2.35 11.89
C PHE B 122 -0.14 0.84 11.92
N SER B 123 -0.54 0.22 13.04
CA SER B 123 -0.44 -1.22 13.18
C SER B 123 -1.39 -1.92 12.22
N ILE B 124 -2.59 -1.36 12.07
CA ILE B 124 -3.59 -1.93 11.17
C ILE B 124 -3.16 -1.84 9.72
N THR B 125 -2.47 -0.75 9.37
CA THR B 125 -1.98 -0.56 8.01
C THR B 125 -0.98 -1.66 7.62
N ILE B 126 -0.37 -2.28 8.61
CA ILE B 126 0.58 -3.36 8.37
C ILE B 126 -0.12 -4.68 8.07
N ILE B 127 -0.91 -5.17 9.01
CA ILE B 127 -1.54 -6.48 8.88
C ILE B 127 -2.59 -6.51 7.78
N THR B 128 -3.13 -5.35 7.44
CA THR B 128 -4.06 -5.22 6.34
C THR B 128 -3.31 -5.08 5.01
N THR B 129 -2.00 -4.87 5.13
CA THR B 129 -1.10 -4.64 3.98
C THR B 129 -1.49 -3.40 3.19
N ILE B 130 -2.31 -2.54 3.78
CA ILE B 130 -2.64 -1.26 3.16
C ILE B 130 -1.41 -0.37 3.16
N GLY B 131 -0.80 -0.23 4.34
CA GLY B 131 0.44 0.51 4.50
C GLY B 131 0.45 1.91 3.93
N TYR B 132 -0.35 2.79 4.52
CA TYR B 132 -0.46 4.17 4.04
C TYR B 132 0.89 4.87 4.00
N GLY B 133 1.69 4.67 5.05
CA GLY B 133 3.01 5.28 5.12
C GLY B 133 2.97 6.77 5.37
N ASN B 134 1.79 7.29 5.70
CA ASN B 134 1.63 8.71 6.01
C ASN B 134 2.48 9.11 7.21
N VAL B 135 2.54 8.23 8.20
CA VAL B 135 3.45 8.38 9.32
C VAL B 135 4.63 7.44 9.11
N ALA B 136 5.84 7.99 9.16
CA ALA B 136 7.03 7.22 8.85
C ALA B 136 7.79 6.77 10.10
N LEU B 137 8.26 5.53 10.09
CA LEU B 137 9.12 5.04 11.16
C LEU B 137 10.50 5.69 11.06
N ARG B 138 11.07 6.04 12.21
CA ARG B 138 12.37 6.70 12.23
C ARG B 138 13.37 5.93 13.06
N THR B 139 12.93 5.43 14.22
CA THR B 139 13.78 4.63 15.08
C THR B 139 14.09 3.29 14.41
N ASP B 140 15.37 2.91 14.43
CA ASP B 140 15.78 1.64 13.85
C ASP B 140 15.23 0.46 14.66
N ALA B 141 15.04 0.68 15.96
CA ALA B 141 14.50 -0.36 16.84
C ALA B 141 13.05 -0.66 16.47
N GLY B 142 12.33 0.36 16.04
CA GLY B 142 10.94 0.20 15.64
C GLY B 142 10.80 -0.47 14.29
N ARG B 143 11.82 -0.28 13.45
CA ARG B 143 11.83 -0.87 12.11
C ARG B 143 11.99 -2.39 12.17
N LEU B 144 12.85 -2.86 13.08
CA LEU B 144 13.06 -4.28 13.27
C LEU B 144 11.80 -4.95 13.79
N PHE B 145 11.20 -4.35 14.81
CA PHE B 145 9.97 -4.85 15.38
C PHE B 145 8.83 -4.85 14.37
N CYS B 146 8.83 -3.85 13.48
CA CYS B 146 7.83 -3.73 12.43
C CYS B 146 7.92 -4.89 11.45
N ILE B 147 9.15 -5.32 11.17
CA ILE B 147 9.38 -6.44 10.26
C ILE B 147 8.73 -7.71 10.79
N PHE B 148 9.06 -8.05 12.04
CA PHE B 148 8.51 -9.24 12.67
C PHE B 148 7.03 -9.06 12.99
N TYR B 149 6.60 -7.82 13.14
CA TYR B 149 5.18 -7.51 13.32
C TYR B 149 4.41 -7.83 12.05
N ALA B 150 5.05 -7.58 10.91
CA ALA B 150 4.41 -7.82 9.61
C ALA B 150 4.36 -9.31 9.28
N LEU B 151 5.46 -10.00 9.53
CA LEU B 151 5.57 -11.42 9.18
C LEU B 151 4.56 -12.28 9.94
N VAL B 152 4.26 -11.91 11.17
CA VAL B 152 3.32 -12.65 11.99
C VAL B 152 1.90 -12.10 11.86
N GLY B 153 1.79 -10.78 11.78
CA GLY B 153 0.51 -10.11 11.77
C GLY B 153 -0.37 -10.38 10.57
N ILE B 154 0.20 -10.22 9.38
CA ILE B 154 -0.56 -10.37 8.13
C ILE B 154 -1.21 -11.75 7.97
N PRO B 155 -0.46 -12.85 8.22
CA PRO B 155 -1.17 -14.13 8.14
C PRO B 155 -2.22 -14.27 9.23
N LEU B 156 -2.00 -13.64 10.38
CA LEU B 156 -2.95 -13.70 11.49
C LEU B 156 -4.22 -12.94 11.14
N PHE B 157 -4.05 -11.76 10.55
CA PHE B 157 -5.19 -10.97 10.09
C PHE B 157 -5.82 -11.60 8.86
N GLY B 158 -4.99 -12.25 8.04
CA GLY B 158 -5.44 -12.87 6.82
C GLY B 158 -6.46 -13.96 7.07
N ILE B 159 -6.30 -14.67 8.18
CA ILE B 159 -7.26 -15.68 8.57
C ILE B 159 -8.53 -15.04 9.09
N LEU B 160 -8.38 -14.03 9.94
CA LEU B 160 -9.53 -13.33 10.51
C LEU B 160 -10.34 -12.64 9.43
N LEU B 161 -9.66 -12.02 8.48
CA LEU B 161 -10.33 -11.31 7.40
C LEU B 161 -11.12 -12.28 6.53
N ALA B 162 -10.46 -13.38 6.14
CA ALA B 162 -11.12 -14.43 5.39
C ALA B 162 -12.16 -15.13 6.26
N GLY B 163 -11.91 -15.16 7.56
CA GLY B 163 -12.84 -15.74 8.51
C GLY B 163 -14.14 -14.97 8.58
N VAL B 164 -14.04 -13.68 8.90
CA VAL B 164 -15.21 -12.81 8.98
C VAL B 164 -15.85 -12.65 7.60
N GLY B 165 -15.05 -12.85 6.55
CA GLY B 165 -15.48 -12.68 5.17
C GLY B 165 -16.84 -13.25 4.83
N ASP B 166 -16.95 -14.58 4.85
CA ASP B 166 -18.25 -15.21 4.61
C ASP B 166 -19.04 -15.34 5.92
N ARG B 167 -18.35 -15.20 7.05
CA ARG B 167 -19.02 -15.18 8.34
C ARG B 167 -19.99 -14.00 8.38
N LEU B 168 -19.56 -12.88 7.82
CA LEU B 168 -20.42 -11.72 7.64
C LEU B 168 -21.22 -11.87 6.35
N GLY B 169 -20.56 -12.37 5.31
CA GLY B 169 -21.17 -12.49 3.99
C GLY B 169 -22.37 -13.43 3.96
N SER B 170 -22.19 -14.65 4.45
CA SER B 170 -23.29 -15.61 4.50
C SER B 170 -24.35 -15.16 5.48
N SER B 171 -23.93 -14.38 6.48
CA SER B 171 -24.88 -13.81 7.43
C SER B 171 -25.74 -12.74 6.78
N LEU B 172 -25.20 -12.10 5.75
CA LEU B 172 -25.94 -11.07 5.02
C LEU B 172 -26.70 -11.66 3.83
N ARG B 173 -26.20 -12.78 3.30
CA ARG B 173 -26.95 -13.49 2.27
C ARG B 173 -28.06 -14.30 2.93
N HIS B 174 -27.94 -14.48 4.24
CA HIS B 174 -28.97 -15.13 5.05
C HIS B 174 -30.20 -14.24 5.14
N GLY B 175 -29.96 -12.94 5.29
CA GLY B 175 -31.04 -11.96 5.38
C GLY B 175 -31.72 -11.75 4.04
N ILE B 176 -31.03 -12.09 2.96
CA ILE B 176 -31.58 -11.97 1.63
C ILE B 176 -32.78 -12.91 1.46
N GLY B 177 -32.73 -14.04 2.16
CA GLY B 177 -33.76 -15.06 2.05
C GLY B 177 -35.12 -14.64 2.55
N HIS B 178 -35.15 -13.73 3.51
CA HIS B 178 -36.40 -13.20 4.03
C HIS B 178 -37.15 -12.45 2.95
N ILE B 179 -36.40 -11.82 2.06
CA ILE B 179 -36.99 -11.12 0.92
C ILE B 179 -37.48 -12.12 -0.12
N GLU B 180 -36.67 -13.14 -0.40
CA GLU B 180 -36.96 -14.10 -1.46
C GLU B 180 -38.24 -14.88 -1.23
N ALA B 181 -38.69 -14.94 0.03
CA ALA B 181 -39.92 -15.63 0.37
C ALA B 181 -41.13 -14.96 -0.29
N ILE B 182 -41.31 -13.68 0.00
CA ILE B 182 -42.38 -12.89 -0.63
C ILE B 182 -42.04 -12.67 -2.10
N PHE B 183 -40.75 -12.65 -2.40
CA PHE B 183 -40.27 -12.46 -3.77
C PHE B 183 -40.31 -13.77 -4.56
N LEU B 184 -41.42 -14.49 -4.46
CA LEU B 184 -41.56 -15.78 -5.14
C LEU B 184 -43.02 -16.23 -5.22
N LYS B 185 -43.84 -15.44 -5.92
CA LYS B 185 -45.27 -15.75 -6.03
C LYS B 185 -45.73 -15.79 -7.49
N TRP B 186 -46.34 -14.69 -7.94
CA TRP B 186 -46.91 -14.62 -9.28
C TRP B 186 -45.83 -14.45 -10.36
N HIS B 187 -45.76 -15.44 -11.26
CA HIS B 187 -44.81 -15.42 -12.38
C HIS B 187 -43.36 -15.26 -11.95
N VAL B 188 -43.05 -15.66 -10.72
CA VAL B 188 -41.68 -15.53 -10.21
C VAL B 188 -40.93 -16.86 -10.29
N PRO B 189 -39.87 -16.90 -11.12
CA PRO B 189 -39.01 -18.08 -11.25
C PRO B 189 -37.93 -18.12 -10.18
N PRO B 190 -37.86 -19.21 -9.41
CA PRO B 190 -36.83 -19.39 -8.37
C PRO B 190 -35.42 -19.39 -8.95
N GLU B 191 -35.30 -19.76 -10.22
CA GLU B 191 -34.01 -19.71 -10.92
C GLU B 191 -33.55 -18.27 -11.11
N LEU B 192 -34.50 -17.35 -11.23
CA LEU B 192 -34.19 -15.94 -11.35
C LEU B 192 -34.18 -15.26 -9.99
N VAL B 193 -34.81 -15.90 -9.01
CA VAL B 193 -34.78 -15.41 -7.63
C VAL B 193 -33.35 -15.41 -7.13
N ARG B 194 -32.57 -16.38 -7.63
CA ARG B 194 -31.15 -16.45 -7.32
C ARG B 194 -30.39 -15.19 -7.73
N VAL B 195 -30.53 -14.81 -8.99
CA VAL B 195 -29.82 -13.66 -9.53
C VAL B 195 -30.44 -12.32 -9.15
N LEU B 196 -31.69 -12.36 -8.69
CA LEU B 196 -32.35 -11.15 -8.21
C LEU B 196 -32.06 -10.92 -6.75
N SER B 197 -31.17 -11.74 -6.20
CA SER B 197 -30.69 -11.58 -4.83
C SER B 197 -29.18 -11.63 -4.78
N ALA B 198 -28.58 -12.21 -5.82
CA ALA B 198 -27.12 -12.30 -5.92
C ALA B 198 -26.53 -10.94 -6.29
N MET B 199 -27.10 -10.31 -7.32
CA MET B 199 -26.67 -8.99 -7.72
C MET B 199 -27.10 -7.95 -6.68
N LEU B 200 -28.19 -8.26 -5.99
CA LEU B 200 -28.68 -7.40 -4.91
C LEU B 200 -27.76 -7.49 -3.70
N PHE B 201 -27.21 -8.69 -3.48
CA PHE B 201 -26.24 -8.89 -2.40
C PHE B 201 -24.96 -8.13 -2.72
N LEU B 202 -24.60 -8.10 -3.99
CA LEU B 202 -23.49 -7.29 -4.47
C LEU B 202 -23.82 -5.81 -4.38
N LEU B 203 -25.09 -5.49 -4.61
CA LEU B 203 -25.53 -4.09 -4.65
C LEU B 203 -25.43 -3.40 -3.30
N ILE B 204 -26.24 -3.85 -2.34
CA ILE B 204 -26.31 -3.19 -1.04
C ILE B 204 -25.02 -3.35 -0.25
N GLY B 205 -24.21 -4.34 -0.63
CA GLY B 205 -22.90 -4.51 -0.03
C GLY B 205 -21.92 -3.50 -0.57
N CYS B 206 -21.98 -3.26 -1.88
CA CYS B 206 -21.17 -2.24 -2.51
C CYS B 206 -21.74 -0.86 -2.19
N LEU B 207 -23.00 -0.84 -1.76
CA LEU B 207 -23.64 0.41 -1.34
C LEU B 207 -23.21 0.78 0.07
N LEU B 208 -23.24 -0.20 0.96
CA LEU B 208 -22.93 0.03 2.37
C LEU B 208 -21.43 0.20 2.62
N PHE B 209 -20.62 -0.29 1.70
CA PHE B 209 -19.17 -0.31 1.92
C PHE B 209 -18.35 0.50 0.91
N VAL B 210 -19.02 1.13 -0.05
CA VAL B 210 -18.31 1.96 -1.02
C VAL B 210 -18.97 3.32 -1.20
N LEU B 211 -20.26 3.33 -1.52
CA LEU B 211 -20.98 4.58 -1.72
C LEU B 211 -21.16 5.35 -0.42
N THR B 212 -21.55 4.64 0.64
CA THR B 212 -21.79 5.27 1.94
C THR B 212 -20.53 5.90 2.55
N PRO B 213 -19.37 5.20 2.57
CA PRO B 213 -18.21 5.87 3.15
C PRO B 213 -17.73 7.08 2.34
N THR B 214 -17.93 7.05 1.02
CA THR B 214 -17.54 8.17 0.17
C THR B 214 -18.41 9.38 0.46
N PHE B 215 -19.69 9.14 0.73
CA PHE B 215 -20.62 10.20 1.09
C PHE B 215 -20.30 10.74 2.48
N VAL B 216 -19.69 9.91 3.31
CA VAL B 216 -19.29 10.31 4.65
C VAL B 216 -17.96 11.07 4.64
N PHE B 217 -17.00 10.55 3.90
CA PHE B 217 -15.66 11.15 3.84
C PHE B 217 -15.67 12.53 3.20
N CYS B 218 -16.64 12.77 2.31
CA CYS B 218 -16.80 14.09 1.71
C CYS B 218 -17.32 15.09 2.74
N TYR B 219 -18.10 14.59 3.70
CA TYR B 219 -18.72 15.45 4.70
C TYR B 219 -17.98 15.44 6.03
N MET B 220 -16.85 14.75 6.08
CA MET B 220 -16.06 14.68 7.31
C MET B 220 -14.61 15.10 7.05
N GLU B 221 -14.13 14.85 5.85
CA GLU B 221 -12.76 15.20 5.50
C GLU B 221 -12.73 16.25 4.39
N ASP B 222 -13.93 16.67 3.96
CA ASP B 222 -14.10 17.72 2.95
C ASP B 222 -13.41 17.38 1.63
N TRP B 223 -13.33 16.09 1.30
CA TRP B 223 -12.82 15.66 0.02
C TRP B 223 -13.89 15.79 -1.06
N SER B 224 -13.46 15.93 -2.31
CA SER B 224 -14.40 15.97 -3.44
C SER B 224 -15.03 14.61 -3.63
N LYS B 225 -16.10 14.55 -4.41
CA LYS B 225 -16.85 13.32 -4.62
C LYS B 225 -15.99 12.22 -5.25
N LEU B 226 -15.01 12.62 -6.06
CA LEU B 226 -14.11 11.66 -6.69
C LEU B 226 -12.99 11.27 -5.74
N GLU B 227 -12.49 12.22 -4.97
CA GLU B 227 -11.38 11.98 -4.04
C GLU B 227 -11.75 10.99 -2.95
N ALA B 228 -13.03 10.92 -2.62
CA ALA B 228 -13.53 9.96 -1.65
C ALA B 228 -13.55 8.55 -2.25
N ILE B 229 -14.02 8.45 -3.49
CA ILE B 229 -14.04 7.17 -4.20
C ILE B 229 -12.62 6.73 -4.50
N TYR B 230 -11.75 7.70 -4.81
CA TYR B 230 -10.34 7.42 -5.05
C TYR B 230 -9.68 6.86 -3.79
N PHE B 231 -10.11 7.34 -2.63
CA PHE B 231 -9.57 6.85 -1.37
C PHE B 231 -10.05 5.43 -1.06
N VAL B 232 -11.36 5.24 -1.10
CA VAL B 232 -11.98 3.95 -0.77
C VAL B 232 -11.44 2.84 -1.66
N ILE B 233 -11.26 3.14 -2.94
CA ILE B 233 -10.77 2.15 -3.89
C ILE B 233 -9.30 1.82 -3.60
N VAL B 234 -8.49 2.83 -3.34
CA VAL B 234 -7.09 2.62 -3.02
C VAL B 234 -6.95 1.96 -1.65
N THR B 235 -7.92 2.21 -0.76
CA THR B 235 -7.92 1.59 0.56
C THR B 235 -8.32 0.12 0.51
N LEU B 236 -9.45 -0.18 -0.11
CA LEU B 236 -9.98 -1.54 -0.16
C LEU B 236 -9.14 -2.47 -1.03
N THR B 237 -8.44 -1.91 -2.00
CA THR B 237 -7.54 -2.69 -2.83
C THR B 237 -6.19 -2.88 -2.14
N THR B 238 -6.07 -2.32 -0.95
CA THR B 238 -4.86 -2.40 -0.12
C THR B 238 -3.62 -1.87 -0.84
N VAL B 239 -3.83 -1.03 -1.85
CA VAL B 239 -2.71 -0.37 -2.51
C VAL B 239 -2.11 0.65 -1.55
N GLY B 240 -2.99 1.35 -0.83
CA GLY B 240 -2.60 2.25 0.24
C GLY B 240 -1.56 3.30 -0.13
N PHE B 241 -1.88 4.14 -1.12
CA PHE B 241 -0.98 5.19 -1.57
C PHE B 241 -0.61 6.15 -0.44
N GLY B 242 -1.54 6.37 0.47
CA GLY B 242 -1.28 7.20 1.63
C GLY B 242 -1.43 8.69 1.40
N ASP B 243 -1.72 9.09 0.17
CA ASP B 243 -1.96 10.50 -0.13
C ASP B 243 -3.22 10.98 0.58
N TYR B 244 -4.26 10.17 0.55
CA TYR B 244 -5.48 10.44 1.31
C TYR B 244 -5.61 9.43 2.45
N VAL B 245 -5.91 9.93 3.64
CA VAL B 245 -6.11 9.08 4.82
C VAL B 245 -7.31 9.57 5.61
N ALA B 246 -8.24 8.67 5.89
CA ALA B 246 -9.49 9.04 6.54
C ALA B 246 -9.40 9.10 8.07
N GLY B 247 -8.20 8.88 8.61
CA GLY B 247 -8.02 8.87 10.04
C GLY B 247 -6.76 9.55 10.53
N ALA B 248 -6.46 10.72 9.99
CA ALA B 248 -5.29 11.48 10.41
C ALA B 248 -5.44 11.97 11.85
N ASP B 249 -6.63 12.51 12.16
CA ASP B 249 -6.92 13.01 13.49
C ASP B 249 -8.42 13.28 13.64
N PRO B 250 -9.06 12.60 14.60
CA PRO B 250 -10.52 12.65 14.80
C PRO B 250 -11.02 13.90 15.51
N ARG B 251 -10.69 15.08 14.97
CA ARG B 251 -11.14 16.35 15.54
C ARG B 251 -10.88 16.45 17.03
N GLN B 252 -11.92 16.85 17.76
CA GLN B 252 -11.90 16.89 19.22
C GLN B 252 -13.22 16.37 19.76
N ASP B 253 -14.17 16.15 18.85
CA ASP B 253 -15.49 15.67 19.24
C ASP B 253 -16.00 14.60 18.28
N SER B 254 -15.09 13.85 17.69
CA SER B 254 -15.46 12.69 16.90
C SER B 254 -15.60 11.50 17.84
N PRO B 255 -16.85 11.14 18.18
CA PRO B 255 -17.16 10.18 19.24
C PRO B 255 -16.58 8.79 19.00
N ALA B 256 -16.53 8.38 17.74
CA ALA B 256 -16.02 7.06 17.39
C ALA B 256 -15.71 7.00 15.90
N TYR B 257 -15.41 8.17 15.33
CA TYR B 257 -15.15 8.27 13.90
C TYR B 257 -13.97 7.42 13.47
N GLN B 258 -12.80 7.65 14.07
CA GLN B 258 -11.62 6.85 13.77
C GLN B 258 -11.82 5.37 14.13
N PRO B 259 -12.45 5.08 15.29
CA PRO B 259 -12.81 3.67 15.50
C PRO B 259 -13.74 3.11 14.42
N LEU B 260 -14.61 3.96 13.87
CA LEU B 260 -15.50 3.54 12.80
C LEU B 260 -14.72 3.39 11.49
N VAL B 261 -13.58 4.07 11.40
CA VAL B 261 -12.78 4.03 10.19
C VAL B 261 -12.20 2.64 9.94
N TRP B 262 -11.47 2.09 10.92
CA TRP B 262 -10.93 0.75 10.73
C TRP B 262 -12.01 -0.32 10.82
N PHE B 263 -13.12 0.00 11.48
CA PHE B 263 -14.27 -0.90 11.50
C PHE B 263 -14.86 -0.97 10.09
N TRP B 264 -14.78 0.13 9.36
CA TRP B 264 -15.15 0.15 7.96
C TRP B 264 -14.09 -0.58 7.13
N ILE B 265 -12.84 -0.51 7.56
CA ILE B 265 -11.76 -1.18 6.87
C ILE B 265 -11.85 -2.69 7.04
N LEU B 266 -12.05 -3.13 8.28
CA LEU B 266 -12.12 -4.57 8.57
C LEU B 266 -13.28 -5.23 7.83
N LEU B 267 -14.49 -4.73 8.06
CA LEU B 267 -15.67 -5.30 7.44
C LEU B 267 -15.74 -5.02 5.94
N GLY B 268 -15.11 -3.93 5.53
CA GLY B 268 -15.07 -3.55 4.12
C GLY B 268 -14.13 -4.43 3.32
N LEU B 269 -12.99 -4.76 3.91
CA LEU B 269 -12.03 -5.64 3.27
C LEU B 269 -12.58 -7.07 3.22
N ALA B 270 -13.09 -7.53 4.36
CA ALA B 270 -13.62 -8.89 4.48
C ALA B 270 -14.74 -9.14 3.49
N TYR B 271 -15.60 -8.15 3.32
CA TYR B 271 -16.71 -8.26 2.37
C TYR B 271 -16.20 -8.32 0.94
N PHE B 272 -15.40 -7.33 0.55
CA PHE B 272 -14.95 -7.20 -0.82
C PHE B 272 -13.95 -8.28 -1.21
N ALA B 273 -13.24 -8.83 -0.23
CA ALA B 273 -12.35 -9.95 -0.50
C ALA B 273 -13.15 -11.17 -0.91
N SER B 274 -14.31 -11.37 -0.27
CA SER B 274 -15.20 -12.46 -0.61
C SER B 274 -15.84 -12.26 -1.97
N VAL B 275 -16.14 -11.01 -2.30
CA VAL B 275 -16.71 -10.67 -3.60
C VAL B 275 -15.70 -10.93 -4.71
N LEU B 276 -14.44 -10.67 -4.43
CA LEU B 276 -13.36 -10.88 -5.40
C LEU B 276 -13.05 -12.37 -5.58
N THR B 277 -13.54 -13.20 -4.68
CA THR B 277 -13.30 -14.64 -4.76
C THR B 277 -14.54 -15.39 -5.24
N THR B 278 -15.72 -14.93 -4.82
CA THR B 278 -16.97 -15.53 -5.27
C THR B 278 -17.12 -15.33 -6.77
N ILE B 279 -16.64 -14.19 -7.26
CA ILE B 279 -16.62 -13.93 -8.69
C ILE B 279 -15.45 -14.68 -9.34
N GLY B 280 -14.48 -15.07 -8.51
CA GLY B 280 -13.32 -15.79 -8.98
C GLY B 280 -13.63 -17.22 -9.37
N ASN B 281 -14.52 -17.84 -8.60
CA ASN B 281 -14.96 -19.20 -8.90
C ASN B 281 -15.99 -19.22 -10.02
N TRP B 282 -16.79 -18.16 -10.09
CA TRP B 282 -17.76 -18.00 -11.18
C TRP B 282 -17.04 -17.72 -12.50
N LEU B 283 -15.83 -17.20 -12.42
CA LEU B 283 -15.06 -16.85 -13.61
C LEU B 283 -14.26 -18.05 -14.12
N ARG B 284 -14.26 -19.14 -13.37
CA ARG B 284 -13.53 -20.34 -13.77
C ARG B 284 -14.19 -21.03 -14.96
N VAL B 285 -14.06 -20.41 -16.13
CA VAL B 285 -14.61 -20.96 -17.37
C VAL B 285 -13.60 -20.82 -18.50
K K C . 0.06 -1.45 0.13
K K D . -1.43 -5.07 -0.31
K K E . -2.90 -9.25 -0.57
K K F . 4.20 14.80 -1.63
K K G . 2.20 3.88 0.93
K K H . 1.05 1.11 0.47
#